data_4XJS
#
_entry.id   4XJS
#
_cell.length_a   50.298
_cell.length_b   64.424
_cell.length_c   72.832
_cell.angle_alpha   90.000
_cell.angle_beta   90.000
_cell.angle_gamma   90.000
#
_symmetry.space_group_name_H-M   'P 21 21 21'
#
loop_
_entity.id
_entity.type
_entity.pdbx_description
1 polymer 'ADP-ribosyl cyclase/cyclic ADP-ribose hydrolase 1'
2 non-polymer 6-fluoro-2-methyl-4-[(2,3,6-trichlorobenzyl)amino]quinoline-8-carboxamide
3 non-polymer 5-O-phosphono-alpha-D-ribofuranose
4 water water
#
_entity_poly.entity_id   1
_entity_poly.type   'polypeptide(L)'
_entity_poly.pdbx_seq_one_letter_code
;RGKNPEDWRQQWSGPGTTKRFPETVLARCVKYTEIHPEMRHVDCQSVWDAFKGAFISKHPCDITEEDYQPLMKLGTQTVP
CNKILLWSRIKDLAHQFTQVQRDMFTLEDTLLGYLADDLTWCGEFATSKINYQSCPDWRKDCSNNPVSVFWKTVSRRFAE
AACDVVHVMLDGSRSKIFDKDSTFGSVEVHNLQPEKVQTLEAWVIHGGREDSRDLCQDPTIKELESIISKRNIQFSCKNI
YRPDKFLQCVKNPEDSSCTSEI
;
_entity_poly.pdbx_strand_id   A
#
loop_
_chem_comp.id
_chem_comp.type
_chem_comp.name
_chem_comp.formula
733 non-polymer 6-fluoro-2-methyl-4-[(2,3,6-trichlorobenzyl)amino]quinoline-8-carboxamide 'C18 H13 Cl3 F N3 O'
HSX D-saccharide, alpha linking 5-O-phosphono-alpha-D-ribofuranose 'C5 H11 O8 P'
#
# COMPACT_ATOMS: atom_id res chain seq x y z
N TRP A 8 -24.26 -24.82 9.82
CA TRP A 8 -23.01 -24.81 9.00
C TRP A 8 -22.45 -23.38 8.82
N ARG A 9 -21.19 -23.20 9.22
CA ARG A 9 -20.45 -21.93 9.06
C ARG A 9 -19.14 -22.15 8.27
N GLN A 10 -18.96 -21.36 7.21
CA GLN A 10 -17.82 -21.48 6.30
C GLN A 10 -16.52 -20.98 6.93
N GLN A 11 -15.44 -21.70 6.70
CA GLN A 11 -14.17 -21.38 7.33
C GLN A 11 -13.06 -21.18 6.28
N TRP A 12 -12.48 -19.99 6.28
CA TRP A 12 -11.43 -19.65 5.32
C TRP A 12 -10.07 -20.02 5.89
N SER A 13 -9.06 -19.96 5.06
CA SER A 13 -7.72 -20.32 5.48
C SER A 13 -7.02 -19.18 6.17
N GLY A 14 -7.41 -17.95 5.85
CA GLY A 14 -6.78 -16.78 6.44
C GLY A 14 -7.36 -16.38 7.78
N PRO A 15 -6.61 -15.54 8.52
CA PRO A 15 -7.10 -15.03 9.79
C PRO A 15 -8.28 -14.13 9.59
N GLY A 16 -9.16 -14.10 10.58
CA GLY A 16 -10.38 -13.32 10.49
C GLY A 16 -10.18 -11.82 10.62
N THR A 17 -11.30 -11.10 10.57
CA THR A 17 -11.33 -9.66 10.78
C THR A 17 -10.75 -9.33 12.15
N THR A 18 -9.94 -8.28 12.21
CA THR A 18 -9.32 -7.83 13.44
C THR A 18 -10.39 -7.41 14.43
N LYS A 19 -10.22 -7.73 15.71
CA LYS A 19 -11.20 -7.34 16.74
C LYS A 19 -11.28 -5.83 16.79
N ARG A 20 -12.48 -5.34 17.04
CA ARG A 20 -12.73 -3.92 17.18
C ARG A 20 -12.42 -3.16 15.88
N PHE A 21 -12.49 -3.87 14.76
CA PHE A 21 -12.14 -3.30 13.46
C PHE A 21 -12.99 -2.11 13.09
N PRO A 22 -14.32 -2.20 13.26
CA PRO A 22 -15.18 -1.01 13.00
C PRO A 22 -14.83 0.17 13.89
N GLU A 23 -14.70 -0.13 15.17
CA GLU A 23 -14.36 0.89 16.14
CA GLU A 23 -14.31 0.85 16.19
C GLU A 23 -12.97 1.49 15.80
N THR A 24 -12.06 0.64 15.33
CA THR A 24 -10.69 1.05 15.01
C THR A 24 -10.59 1.99 13.80
N VAL A 25 -11.10 1.55 12.67
CA VAL A 25 -11.07 2.35 11.44
C VAL A 25 -11.69 3.72 11.68
N LEU A 26 -12.81 3.73 12.38
CA LEU A 26 -13.47 4.99 12.67
C LEU A 26 -12.56 5.89 13.49
N ALA A 27 -11.99 5.31 14.55
CA ALA A 27 -11.09 6.06 15.42
C ALA A 27 -9.84 6.56 14.68
N ARG A 28 -9.33 5.77 13.76
CA ARG A 28 -8.19 6.18 12.93
C ARG A 28 -8.52 7.37 12.07
N CYS A 29 -9.71 7.34 11.49
CA CYS A 29 -10.20 8.44 10.69
C CYS A 29 -10.31 9.70 11.54
N VAL A 30 -10.87 9.59 12.73
CA VAL A 30 -10.99 10.74 13.61
C VAL A 30 -9.62 11.31 13.99
N LYS A 31 -8.66 10.45 14.24
CA LYS A 31 -7.31 10.87 14.62
C LYS A 31 -6.61 11.55 13.46
N TYR A 32 -6.59 10.89 12.31
CA TYR A 32 -5.97 11.46 11.13
C TYR A 32 -6.49 12.87 10.82
N THR A 33 -7.79 13.06 10.91
CA THR A 33 -8.41 14.36 10.60
C THR A 33 -7.96 15.43 11.58
N GLU A 34 -7.96 15.07 12.87
CA GLU A 34 -7.37 15.90 13.96
C GLU A 34 -5.92 16.38 13.72
N ILE A 35 -5.06 15.54 13.12
CA ILE A 35 -3.62 15.86 12.99
C ILE A 35 -3.18 16.33 11.60
N HIS A 36 -3.93 15.99 10.56
CA HIS A 36 -3.77 16.56 9.23
C HIS A 36 -4.88 17.56 8.96
N PRO A 37 -4.66 18.84 9.29
CA PRO A 37 -5.70 19.90 9.27
C PRO A 37 -6.50 20.04 7.95
N GLU A 38 -5.88 19.71 6.83
CA GLU A 38 -6.52 19.80 5.52
C GLU A 38 -7.64 18.75 5.32
N MET A 39 -7.63 17.70 6.13
CA MET A 39 -8.68 16.67 6.12
C MET A 39 -9.76 16.95 7.18
N ARG A 40 -9.60 18.05 7.92
CA ARG A 40 -10.40 18.37 9.11
C ARG A 40 -11.91 18.14 8.96
N HIS A 41 -12.45 18.43 7.77
CA HIS A 41 -13.90 18.37 7.55
C HIS A 41 -14.38 17.12 6.76
N VAL A 42 -13.52 16.11 6.68
CA VAL A 42 -13.93 14.79 6.25
C VAL A 42 -14.86 14.11 7.27
N ASP A 43 -16.02 13.65 6.81
CA ASP A 43 -17.00 12.99 7.69
C ASP A 43 -16.63 11.52 7.86
N CYS A 44 -16.08 11.18 9.01
CA CYS A 44 -15.55 9.85 9.25
C CYS A 44 -16.60 8.76 9.33
N GLN A 45 -17.84 9.13 9.67
CA GLN A 45 -18.92 8.14 9.76
C GLN A 45 -19.32 7.78 8.33
N SER A 46 -19.23 8.77 7.44
CA SER A 46 -19.52 8.54 6.03
C SER A 46 -18.44 7.68 5.42
N VAL A 47 -17.20 7.94 5.83
CA VAL A 47 -16.03 7.18 5.38
C VAL A 47 -16.09 5.72 5.81
N TRP A 48 -16.35 5.50 7.09
CA TRP A 48 -16.57 4.14 7.59
C TRP A 48 -17.72 3.49 6.84
N ASP A 49 -18.83 4.19 6.69
CA ASP A 49 -19.99 3.59 6.02
C ASP A 49 -19.65 3.17 4.59
N ALA A 50 -18.76 3.90 3.93
CA ALA A 50 -18.36 3.60 2.58
C ALA A 50 -17.38 2.43 2.53
N PHE A 51 -16.55 2.32 3.58
CA PHE A 51 -15.63 1.20 3.74
C PHE A 51 -16.46 -0.06 3.91
N LYS A 52 -17.28 -0.06 4.95
CA LYS A 52 -18.20 -1.13 5.23
C LYS A 52 -18.95 -1.47 3.95
N GLY A 53 -19.54 -0.45 3.33
CA GLY A 53 -20.35 -0.62 2.14
C GLY A 53 -19.66 -1.41 1.03
N ALA A 54 -18.35 -1.30 0.97
CA ALA A 54 -17.57 -1.96 -0.07
C ALA A 54 -17.58 -3.47 0.03
N PHE A 55 -17.67 -4.01 1.23
CA PHE A 55 -17.46 -5.45 1.42
C PHE A 55 -18.56 -6.21 2.16
N ILE A 56 -19.45 -5.53 2.89
CA ILE A 56 -20.54 -6.27 3.60
C ILE A 56 -21.58 -6.77 2.63
N SER A 57 -22.23 -7.87 3.03
CA SER A 57 -23.32 -8.47 2.27
C SER A 57 -22.83 -9.11 0.96
N LYS A 58 -21.52 -9.03 0.71
CA LYS A 58 -20.92 -9.59 -0.47
C LYS A 58 -20.07 -10.81 -0.13
N HIS A 59 -20.15 -11.81 -1.00
CA HIS A 59 -19.24 -12.94 -0.94
C HIS A 59 -17.82 -12.39 -0.84
N PRO A 60 -17.04 -12.84 0.14
CA PRO A 60 -15.71 -12.24 0.32
C PRO A 60 -14.68 -12.58 -0.79
N CYS A 61 -15.14 -13.19 -1.87
CA CYS A 61 -14.29 -13.54 -3.02
C CYS A 61 -14.74 -12.93 -4.33
N ASP A 62 -15.88 -12.24 -4.31
CA ASP A 62 -16.38 -11.50 -5.46
C ASP A 62 -16.28 -9.99 -5.22
N ILE A 63 -15.11 -9.53 -4.82
CA ILE A 63 -14.91 -8.11 -4.61
C ILE A 63 -14.21 -7.53 -5.83
N THR A 64 -14.68 -6.35 -6.24
CA THR A 64 -14.10 -5.65 -7.37
C THR A 64 -13.66 -4.26 -6.92
N GLU A 65 -12.87 -3.60 -7.76
CA GLU A 65 -12.34 -2.27 -7.45
C GLU A 65 -13.47 -1.23 -7.38
N GLU A 66 -14.50 -1.41 -8.19
CA GLU A 66 -15.65 -0.51 -8.18
C GLU A 66 -16.31 -0.48 -6.80
N ASP A 67 -16.31 -1.59 -6.10
CA ASP A 67 -16.86 -1.62 -4.76
C ASP A 67 -16.18 -0.62 -3.86
N TYR A 68 -14.88 -0.42 -4.04
CA TYR A 68 -14.18 0.49 -3.17
C TYR A 68 -14.22 1.96 -3.59
N GLN A 69 -14.82 2.26 -4.74
CA GLN A 69 -14.82 3.62 -5.28
C GLN A 69 -15.61 4.67 -4.41
N PRO A 70 -16.77 4.28 -3.86
CA PRO A 70 -17.42 5.22 -2.95
C PRO A 70 -16.50 5.73 -1.83
N LEU A 71 -15.70 4.82 -1.28
CA LEU A 71 -14.72 5.16 -0.24
C LEU A 71 -13.53 5.93 -0.82
N MET A 72 -13.08 5.53 -2.01
CA MET A 72 -11.99 6.20 -2.69
C MET A 72 -12.29 7.67 -2.83
N LYS A 73 -13.51 7.96 -3.25
CA LYS A 73 -13.94 9.31 -3.54
C LYS A 73 -13.97 10.15 -2.28
N LEU A 74 -14.37 9.55 -1.17
CA LEU A 74 -14.45 10.24 0.13
C LEU A 74 -13.09 10.49 0.72
N GLY A 75 -12.16 9.57 0.46
CA GLY A 75 -10.81 9.67 0.98
C GLY A 75 -9.84 10.20 -0.04
N THR A 76 -10.34 11.02 -0.94
CA THR A 76 -9.51 11.61 -1.95
C THR A 76 -8.51 12.48 -1.25
N GLN A 77 -7.26 12.28 -1.63
CA GLN A 77 -6.17 13.04 -1.12
C GLN A 77 -5.17 13.00 -2.26
N THR A 78 -4.77 14.15 -2.77
CA THR A 78 -3.68 14.18 -3.75
C THR A 78 -2.48 14.88 -3.10
N VAL A 79 -1.59 14.05 -2.54
CA VAL A 79 -0.34 14.48 -1.92
C VAL A 79 0.63 15.02 -2.99
N PRO A 80 1.64 15.81 -2.58
CA PRO A 80 2.60 16.27 -3.58
C PRO A 80 3.29 15.05 -4.22
N CYS A 81 3.12 14.90 -5.52
CA CYS A 81 3.49 13.69 -6.23
C CYS A 81 5.01 13.50 -6.35
N ASN A 82 5.76 14.57 -6.12
CA ASN A 82 7.21 14.49 -6.14
C ASN A 82 7.77 14.08 -4.80
N LYS A 83 6.90 13.76 -3.85
CA LYS A 83 7.30 13.44 -2.48
C LYS A 83 6.86 12.03 -2.10
N ILE A 84 6.82 11.11 -3.07
CA ILE A 84 6.26 9.76 -2.82
C ILE A 84 7.38 8.80 -2.50
N LEU A 85 7.16 7.94 -1.52
CA LEU A 85 8.07 6.88 -1.20
C LEU A 85 7.34 5.56 -1.28
N LEU A 86 7.66 4.75 -2.29
CA LEU A 86 7.15 3.39 -2.36
C LEU A 86 8.06 2.48 -1.56
N TRP A 87 7.56 1.29 -1.24
CA TRP A 87 8.34 0.30 -0.47
C TRP A 87 7.92 -1.12 -0.84
N SER A 88 8.76 -2.10 -0.53
CA SER A 88 8.40 -3.50 -0.78
C SER A 88 8.92 -4.39 0.35
N ARG A 89 7.98 -4.98 1.09
CA ARG A 89 8.23 -5.88 2.23
C ARG A 89 8.83 -5.15 3.45
N ILE A 90 9.68 -4.15 3.21
CA ILE A 90 10.38 -3.42 4.28
C ILE A 90 9.58 -2.16 4.68
N LYS A 91 8.42 -2.38 5.27
CA LYS A 91 7.46 -1.29 5.61
C LYS A 91 7.81 -0.54 6.90
N ASP A 92 8.37 -1.25 7.87
CA ASP A 92 8.70 -0.70 9.20
C ASP A 92 9.72 0.42 9.08
N LEU A 93 10.74 0.20 8.27
CA LEU A 93 11.78 1.18 8.11
C LEU A 93 11.29 2.37 7.27
N ALA A 94 10.53 2.09 6.22
CA ALA A 94 10.00 3.11 5.34
C ALA A 94 9.13 4.11 6.07
N HIS A 95 8.36 3.64 7.05
CA HIS A 95 7.53 4.53 7.86
C HIS A 95 8.38 5.32 8.84
N GLN A 96 9.37 4.66 9.45
CA GLN A 96 10.31 5.37 10.27
C GLN A 96 10.86 6.55 9.48
N PHE A 97 11.30 6.29 8.25
CA PHE A 97 11.81 7.33 7.35
C PHE A 97 10.87 8.53 7.19
N THR A 98 9.60 8.27 6.89
CA THR A 98 8.64 9.37 6.69
C THR A 98 8.22 10.01 8.02
N GLN A 99 8.49 9.32 9.12
CA GLN A 99 8.33 9.91 10.44
C GLN A 99 9.50 10.83 10.78
N VAL A 100 10.57 10.80 9.98
CA VAL A 100 11.70 11.71 10.11
C VAL A 100 11.64 12.81 9.04
N GLN A 101 11.85 12.47 7.77
CA GLN A 101 11.86 13.49 6.68
C GLN A 101 10.62 14.37 6.80
N ARG A 102 9.45 13.71 6.80
CA ARG A 102 8.15 14.32 7.18
C ARG A 102 7.45 15.14 6.07
N ASP A 103 8.15 15.43 4.98
CA ASP A 103 7.51 16.01 3.79
C ASP A 103 7.18 14.90 2.77
N MET A 104 7.90 13.77 2.91
CA MET A 104 7.71 12.58 2.08
C MET A 104 6.52 11.76 2.54
N PHE A 105 5.96 11.00 1.61
CA PHE A 105 4.75 10.21 1.84
C PHE A 105 4.86 8.75 1.36
N THR A 106 4.55 7.81 2.24
CA THR A 106 4.20 6.45 1.83
C THR A 106 2.68 6.38 1.74
N LEU A 107 2.19 5.30 1.13
CA LEU A 107 0.75 5.06 1.01
C LEU A 107 0.05 5.11 2.36
N GLU A 108 0.69 4.51 3.38
CA GLU A 108 0.10 4.40 4.72
C GLU A 108 0.02 5.71 5.50
N ASP A 109 0.74 6.74 5.03
CA ASP A 109 0.65 8.10 5.56
C ASP A 109 -0.48 8.89 4.91
N THR A 110 -1.20 8.27 3.98
CA THR A 110 -2.38 8.87 3.39
C THR A 110 -3.57 8.33 4.15
N LEU A 111 -4.67 9.06 4.16
CA LEU A 111 -5.86 8.62 4.90
C LEU A 111 -6.23 7.15 4.64
N LEU A 112 -6.47 6.79 3.39
CA LEU A 112 -6.99 5.46 3.09
C LEU A 112 -6.04 4.36 3.55
N GLY A 113 -4.75 4.57 3.36
CA GLY A 113 -3.75 3.59 3.80
C GLY A 113 -3.60 3.59 5.31
N TYR A 114 -3.67 4.77 5.91
CA TYR A 114 -3.64 4.89 7.37
C TYR A 114 -4.79 4.11 8.01
N LEU A 115 -5.96 4.11 7.36
CA LEU A 115 -7.15 3.43 7.87
C LEU A 115 -7.05 1.93 7.94
N ALA A 116 -6.26 1.32 7.07
CA ALA A 116 -6.26 -0.13 6.94
C ALA A 116 -4.92 -0.83 7.24
N ASP A 117 -3.83 -0.07 7.31
CA ASP A 117 -2.52 -0.64 7.57
C ASP A 117 -2.59 -1.68 8.70
N ASP A 118 -1.99 -2.84 8.50
CA ASP A 118 -1.93 -3.91 9.49
C ASP A 118 -3.27 -4.57 9.86
N LEU A 119 -4.36 -4.18 9.18
CA LEU A 119 -5.67 -4.72 9.53
C LEU A 119 -6.22 -5.71 8.50
N THR A 120 -7.09 -6.60 8.98
CA THR A 120 -7.76 -7.59 8.16
C THR A 120 -9.28 -7.42 8.32
N TRP A 121 -10.02 -7.53 7.23
CA TRP A 121 -11.46 -7.50 7.29
C TRP A 121 -12.04 -8.34 6.18
N CYS A 122 -13.27 -8.83 6.44
CA CYS A 122 -14.13 -9.43 5.41
C CYS A 122 -15.54 -9.58 5.93
N GLY A 123 -16.48 -9.70 4.98
CA GLY A 123 -17.88 -9.95 5.29
C GLY A 123 -18.31 -11.29 4.71
N GLU A 124 -19.60 -11.40 4.40
CA GLU A 124 -20.17 -12.63 3.86
C GLU A 124 -21.39 -12.31 3.03
N PHE A 125 -21.69 -13.17 2.08
CA PHE A 125 -22.80 -12.92 1.18
C PHE A 125 -24.12 -12.77 1.91
N ALA A 126 -24.86 -11.72 1.53
CA ALA A 126 -26.28 -11.49 1.86
C ALA A 126 -26.59 -10.87 3.24
N THR A 127 -25.71 -11.04 4.21
CA THR A 127 -25.91 -10.44 5.54
C THR A 127 -24.93 -9.30 5.77
N SER A 128 -25.22 -8.48 6.79
CA SER A 128 -24.38 -7.32 7.11
C SER A 128 -23.32 -7.63 8.17
N LYS A 129 -23.24 -8.91 8.56
CA LYS A 129 -22.28 -9.37 9.56
C LYS A 129 -20.87 -9.33 9.03
N ILE A 130 -19.94 -9.19 9.96
CA ILE A 130 -18.51 -9.20 9.72
C ILE A 130 -17.95 -10.53 10.24
N ASN A 131 -17.04 -11.14 9.48
CA ASN A 131 -16.43 -12.41 9.87
C ASN A 131 -15.13 -12.19 10.69
N TYR A 132 -15.24 -12.38 12.00
CA TYR A 132 -14.09 -12.28 12.88
C TYR A 132 -13.37 -13.60 13.05
N GLN A 133 -13.92 -14.68 12.47
CA GLN A 133 -13.34 -16.01 12.65
C GLN A 133 -12.33 -16.40 11.58
N SER A 134 -12.60 -16.04 10.33
CA SER A 134 -11.63 -16.23 9.26
C SER A 134 -11.99 -15.37 8.06
N CYS A 135 -10.99 -15.09 7.22
CA CYS A 135 -11.19 -14.45 5.93
C CYS A 135 -10.33 -15.13 4.87
N PRO A 136 -10.73 -15.03 3.60
CA PRO A 136 -10.03 -15.75 2.54
C PRO A 136 -8.53 -15.44 2.51
N ASP A 137 -7.71 -16.47 2.30
CA ASP A 137 -6.28 -16.35 2.04
C ASP A 137 -6.13 -16.01 0.57
N TRP A 138 -5.22 -15.07 0.27
CA TRP A 138 -4.99 -14.65 -1.12
C TRP A 138 -4.51 -15.85 -1.99
N ARG A 139 -3.73 -16.74 -1.39
CA ARG A 139 -3.20 -17.92 -2.08
C ARG A 139 -4.18 -19.08 -2.03
N LYS A 140 -4.48 -19.59 -0.84
CA LYS A 140 -5.24 -20.83 -0.71
C LYS A 140 -6.72 -20.75 -1.13
N ASP A 141 -7.30 -19.54 -1.10
CA ASP A 141 -8.77 -19.38 -1.24
C ASP A 141 -9.24 -18.51 -2.41
N CYS A 142 -8.81 -17.24 -2.43
CA CYS A 142 -9.26 -16.22 -3.41
C CYS A 142 -8.28 -15.07 -3.52
N SER A 143 -7.89 -14.73 -4.74
CA SER A 143 -7.15 -13.49 -4.99
C SER A 143 -8.05 -12.26 -4.82
N ASN A 144 -9.32 -12.38 -5.17
CA ASN A 144 -10.26 -11.26 -5.09
C ASN A 144 -10.98 -11.09 -3.74
N ASN A 145 -10.24 -11.10 -2.65
CA ASN A 145 -10.81 -10.81 -1.35
C ASN A 145 -10.84 -9.30 -1.04
N PRO A 146 -11.51 -8.90 0.06
CA PRO A 146 -11.67 -7.46 0.41
C PRO A 146 -10.37 -6.73 0.77
N VAL A 147 -9.49 -7.41 1.49
CA VAL A 147 -8.18 -6.86 1.84
C VAL A 147 -7.34 -6.67 0.57
N SER A 148 -7.17 -7.74 -0.19
CA SER A 148 -6.35 -7.71 -1.40
C SER A 148 -6.88 -6.71 -2.42
N VAL A 149 -8.20 -6.71 -2.67
CA VAL A 149 -8.79 -5.75 -3.61
C VAL A 149 -8.65 -4.33 -3.09
N PHE A 150 -8.68 -4.14 -1.78
CA PHE A 150 -8.51 -2.81 -1.22
C PHE A 150 -7.13 -2.28 -1.58
N TRP A 151 -6.07 -3.01 -1.23
CA TRP A 151 -4.71 -2.54 -1.47
C TRP A 151 -4.37 -2.37 -2.93
N LYS A 152 -4.81 -3.32 -3.76
CA LYS A 152 -4.70 -3.21 -5.21
C LYS A 152 -5.26 -1.88 -5.69
N THR A 153 -6.47 -1.56 -5.28
CA THR A 153 -7.15 -0.36 -5.77
C THR A 153 -6.42 0.93 -5.38
N VAL A 154 -6.01 1.05 -4.13
CA VAL A 154 -5.32 2.26 -3.66
C VAL A 154 -3.87 2.33 -4.11
N SER A 155 -3.19 1.18 -4.20
CA SER A 155 -1.84 1.10 -4.75
C SER A 155 -1.77 1.69 -6.16
N ARG A 156 -2.77 1.32 -6.98
CA ARG A 156 -2.92 1.82 -8.35
C ARG A 156 -3.07 3.34 -8.38
N ARG A 157 -4.01 3.88 -7.60
CA ARG A 157 -4.30 5.31 -7.63
C ARG A 157 -3.11 6.10 -7.12
N PHE A 158 -2.51 5.61 -6.03
CA PHE A 158 -1.29 6.19 -5.47
C PHE A 158 -0.13 6.29 -6.50
N ALA A 159 0.17 5.18 -7.18
CA ALA A 159 1.30 5.12 -8.10
C ALA A 159 1.05 5.91 -9.38
N GLU A 160 -0.22 6.00 -9.80
CA GLU A 160 -0.57 6.82 -10.96
C GLU A 160 -0.41 8.30 -10.67
N ALA A 161 -0.65 8.68 -9.41
CA ALA A 161 -0.53 10.06 -8.96
C ALA A 161 0.90 10.56 -9.04
N ALA A 162 1.84 9.67 -8.77
CA ALA A 162 3.25 10.02 -8.55
C ALA A 162 3.89 10.77 -9.71
N CYS A 163 4.87 11.61 -9.38
CA CYS A 163 5.64 12.38 -10.36
C CYS A 163 7.12 12.56 -9.97
N ASP A 164 7.88 13.14 -10.90
CA ASP A 164 9.31 13.47 -10.75
C ASP A 164 10.19 12.24 -10.52
N VAL A 165 10.78 12.17 -9.33
CA VAL A 165 11.55 11.01 -8.89
C VAL A 165 10.78 10.26 -7.81
N VAL A 166 10.38 9.06 -8.15
CA VAL A 166 9.73 8.18 -7.20
C VAL A 166 10.83 7.31 -6.63
N HIS A 167 10.92 7.27 -5.30
CA HIS A 167 11.88 6.42 -4.63
C HIS A 167 11.18 5.21 -4.09
N VAL A 168 11.86 4.07 -4.14
CA VAL A 168 11.32 2.81 -3.66
C VAL A 168 12.35 2.14 -2.76
N MET A 169 11.91 1.72 -1.57
CA MET A 169 12.74 0.91 -0.66
C MET A 169 12.55 -0.58 -0.89
N LEU A 170 13.66 -1.32 -0.85
CA LEU A 170 13.63 -2.77 -0.95
C LEU A 170 14.50 -3.39 0.14
N ASP A 171 14.24 -4.66 0.47
CA ASP A 171 14.91 -5.36 1.57
C ASP A 171 16.07 -6.23 1.08
N GLY A 172 17.29 -5.90 1.48
CA GLY A 172 18.49 -6.60 1.02
C GLY A 172 18.81 -7.92 1.71
N SER A 173 18.06 -8.27 2.73
CA SER A 173 18.20 -9.57 3.36
C SER A 173 17.28 -10.64 2.70
N ARG A 174 16.34 -10.22 1.85
CA ARG A 174 15.39 -11.14 1.19
C ARG A 174 16.06 -11.86 0.00
N SER A 175 15.57 -13.06 -0.31
CA SER A 175 16.06 -13.83 -1.46
C SER A 175 15.58 -13.13 -2.74
N LYS A 176 14.39 -12.55 -2.67
CA LYS A 176 13.87 -11.78 -3.79
C LYS A 176 13.78 -10.28 -3.44
N ILE A 177 14.90 -9.58 -3.65
CA ILE A 177 15.02 -8.15 -3.41
C ILE A 177 13.91 -7.43 -4.18
N PHE A 178 13.71 -7.82 -5.43
CA PHE A 178 12.54 -7.38 -6.20
C PHE A 178 11.68 -8.58 -6.56
N ASP A 179 10.45 -8.60 -6.03
CA ASP A 179 9.48 -9.65 -6.32
C ASP A 179 8.42 -9.11 -7.27
N LYS A 180 8.46 -9.56 -8.54
CA LYS A 180 7.46 -9.16 -9.56
C LYS A 180 6.00 -9.50 -9.17
N ASP A 181 5.84 -10.40 -8.21
CA ASP A 181 4.53 -10.81 -7.71
C ASP A 181 4.04 -10.04 -6.48
N SER A 182 4.85 -9.10 -5.98
CA SER A 182 4.44 -8.27 -4.83
C SER A 182 3.58 -7.10 -5.28
N THR A 183 3.00 -6.36 -4.34
CA THR A 183 2.10 -5.26 -4.69
C THR A 183 2.85 -4.24 -5.52
N PHE A 184 4.07 -3.94 -5.09
CA PHE A 184 4.93 -3.03 -5.86
C PHE A 184 5.27 -3.58 -7.26
N GLY A 185 5.89 -4.76 -7.32
CA GLY A 185 6.24 -5.37 -8.61
C GLY A 185 5.05 -5.72 -9.50
N SER A 186 3.89 -5.92 -8.88
CA SER A 186 2.73 -6.43 -9.59
C SER A 186 1.80 -5.30 -10.05
N VAL A 187 1.57 -4.30 -9.18
CA VAL A 187 0.62 -3.22 -9.46
C VAL A 187 1.32 -1.86 -9.63
N GLU A 188 2.16 -1.48 -8.70
CA GLU A 188 2.70 -0.12 -8.66
C GLU A 188 3.62 0.20 -9.82
N VAL A 189 4.62 -0.65 -10.03
CA VAL A 189 5.60 -0.41 -11.08
C VAL A 189 4.92 -0.16 -12.43
N HIS A 190 3.84 -0.90 -12.71
CA HIS A 190 3.15 -0.87 -14.02
C HIS A 190 2.19 0.30 -14.19
N ASN A 191 2.01 1.08 -13.14
CA ASN A 191 1.12 2.21 -13.18
C ASN A 191 1.79 3.59 -13.05
N LEU A 192 3.11 3.59 -12.93
CA LEU A 192 3.89 4.83 -13.00
C LEU A 192 3.76 5.43 -14.39
N GLN A 193 3.43 6.71 -14.49
CA GLN A 193 3.19 7.37 -15.77
C GLN A 193 4.45 8.08 -16.31
N PRO A 194 4.92 7.68 -17.50
CA PRO A 194 6.13 8.25 -18.11
C PRO A 194 6.04 9.76 -18.36
N GLU A 195 4.81 10.25 -18.44
CA GLU A 195 4.51 11.66 -18.61
C GLU A 195 4.99 12.49 -17.44
N LYS A 196 4.82 11.95 -16.23
CA LYS A 196 5.12 12.65 -14.98
C LYS A 196 6.32 12.10 -14.22
N VAL A 197 6.61 10.82 -14.41
CA VAL A 197 7.71 10.22 -13.66
C VAL A 197 8.95 10.16 -14.54
N GLN A 198 10.03 10.78 -14.07
CA GLN A 198 11.28 10.69 -14.79
C GLN A 198 12.09 9.48 -14.36
N THR A 199 12.18 9.25 -13.06
CA THR A 199 13.07 8.24 -12.49
C THR A 199 12.42 7.43 -11.37
N LEU A 200 12.58 6.11 -11.41
CA LEU A 200 12.36 5.30 -10.22
C LEU A 200 13.72 5.05 -9.59
N GLU A 201 13.95 5.66 -8.44
CA GLU A 201 15.19 5.46 -7.70
C GLU A 201 14.98 4.39 -6.63
N ALA A 202 15.66 3.26 -6.81
CA ALA A 202 15.62 2.17 -5.84
C ALA A 202 16.69 2.36 -4.75
N TRP A 203 16.28 2.07 -3.52
CA TRP A 203 17.15 2.01 -2.38
C TRP A 203 17.17 0.58 -1.87
N VAL A 204 18.35 0.00 -1.81
CA VAL A 204 18.51 -1.32 -1.24
C VAL A 204 19.12 -1.20 0.16
N ILE A 205 18.37 -1.71 1.14
CA ILE A 205 18.75 -1.63 2.54
C ILE A 205 19.39 -2.93 3.01
N HIS A 206 20.64 -2.83 3.47
CA HIS A 206 21.41 -3.97 3.98
C HIS A 206 21.05 -4.29 5.44
N GLY A 207 20.12 -5.22 5.63
CA GLY A 207 19.73 -5.69 6.97
C GLY A 207 20.72 -6.70 7.53
N SER A 212 27.98 -6.70 3.14
CA SER A 212 28.79 -5.51 2.84
C SER A 212 29.04 -5.23 1.35
N ARG A 213 28.52 -6.11 0.49
CA ARG A 213 28.73 -6.07 -0.97
C ARG A 213 27.60 -5.36 -1.73
N ASP A 214 27.90 -4.92 -2.95
CA ASP A 214 26.96 -4.13 -3.78
C ASP A 214 25.73 -4.94 -4.25
N LEU A 215 24.58 -4.68 -3.64
CA LEU A 215 23.36 -5.42 -3.96
C LEU A 215 22.55 -4.83 -5.13
N CYS A 216 23.02 -3.71 -5.69
CA CYS A 216 22.39 -3.13 -6.88
C CYS A 216 22.67 -3.99 -8.10
N GLN A 217 23.78 -4.73 -8.07
CA GLN A 217 24.14 -5.68 -9.14
C GLN A 217 23.13 -6.81 -9.31
N ASP A 218 22.37 -7.09 -8.25
CA ASP A 218 21.48 -8.24 -8.18
C ASP A 218 20.64 -8.46 -9.43
N PRO A 219 20.44 -9.74 -9.81
CA PRO A 219 19.57 -10.14 -10.91
C PRO A 219 18.16 -9.54 -10.85
N THR A 220 17.51 -9.57 -9.70
CA THR A 220 16.12 -9.09 -9.61
C THR A 220 16.03 -7.57 -9.70
N ILE A 221 17.08 -6.88 -9.25
CA ILE A 221 17.20 -5.43 -9.47
C ILE A 221 17.33 -5.17 -10.97
N LYS A 222 18.24 -5.92 -11.60
CA LYS A 222 18.42 -5.82 -13.05
C LYS A 222 17.10 -6.11 -13.78
N GLU A 223 16.26 -6.94 -13.18
CA GLU A 223 14.97 -7.26 -13.76
C GLU A 223 14.01 -6.10 -13.58
N LEU A 224 14.15 -5.41 -12.47
CA LEU A 224 13.37 -4.21 -12.21
C LEU A 224 13.72 -3.14 -13.23
N GLU A 225 15.01 -3.01 -13.50
CA GLU A 225 15.53 -2.06 -14.49
C GLU A 225 14.92 -2.30 -15.87
N SER A 226 14.60 -3.54 -16.18
CA SER A 226 14.03 -3.88 -17.47
CA SER A 226 14.03 -3.87 -17.48
C SER A 226 12.57 -3.42 -17.56
N ILE A 227 11.80 -3.70 -16.50
CA ILE A 227 10.37 -3.35 -16.50
C ILE A 227 10.21 -1.86 -16.69
N ILE A 228 10.99 -1.15 -15.89
CA ILE A 228 11.00 0.29 -15.86
C ILE A 228 11.49 0.85 -17.17
N SER A 229 12.62 0.36 -17.65
CA SER A 229 13.16 0.83 -18.93
C SER A 229 12.14 0.75 -20.06
N LYS A 230 11.31 -0.29 -20.06
CA LYS A 230 10.30 -0.49 -21.10
C LYS A 230 9.07 0.43 -21.00
N ARG A 231 8.99 1.17 -19.89
CA ARG A 231 8.00 2.24 -19.74
C ARG A 231 8.61 3.61 -20.04
N ASN A 232 9.78 3.62 -20.67
CA ASN A 232 10.52 4.84 -20.96
CA ASN A 232 10.55 4.83 -20.94
C ASN A 232 10.69 5.73 -19.72
N ILE A 233 10.99 5.10 -18.59
CA ILE A 233 11.32 5.77 -17.35
C ILE A 233 12.74 5.34 -16.97
N GLN A 234 13.58 6.29 -16.56
CA GLN A 234 14.96 5.98 -16.18
C GLN A 234 15.03 5.27 -14.83
N PHE A 235 16.04 4.43 -14.63
CA PHE A 235 16.16 3.68 -13.39
C PHE A 235 17.42 4.05 -12.63
N SER A 236 17.36 3.96 -11.31
CA SER A 236 18.50 4.30 -10.47
C SER A 236 18.50 3.41 -9.24
N CYS A 237 19.68 3.00 -8.79
CA CYS A 237 19.78 2.14 -7.63
C CYS A 237 20.94 2.56 -6.73
N LYS A 238 20.64 2.70 -5.44
CA LYS A 238 21.61 3.10 -4.43
C LYS A 238 21.62 2.12 -3.27
N ASN A 239 22.80 1.69 -2.87
CA ASN A 239 22.95 0.86 -1.67
C ASN A 239 22.81 1.70 -0.41
N ILE A 240 22.17 1.14 0.60
CA ILE A 240 22.07 1.81 1.89
C ILE A 240 22.73 0.89 2.92
N TYR A 241 24.04 1.02 3.04
CA TYR A 241 24.83 0.08 3.84
C TYR A 241 24.45 0.09 5.31
N ARG A 242 24.68 1.20 5.99
CA ARG A 242 24.20 1.38 7.37
C ARG A 242 22.82 2.07 7.34
N PRO A 243 21.76 1.30 7.63
CA PRO A 243 20.39 1.84 7.56
C PRO A 243 20.11 2.96 8.58
N ASP A 244 20.43 2.68 9.84
CA ASP A 244 20.20 3.62 10.93
C ASP A 244 20.95 4.93 10.71
N LYS A 245 22.11 4.85 10.05
CA LYS A 245 22.89 6.05 9.67
C LYS A 245 22.21 6.87 8.57
N PHE A 246 21.41 6.23 7.73
CA PHE A 246 20.69 6.96 6.69
C PHE A 246 19.63 7.86 7.31
N LEU A 247 18.96 7.33 8.35
CA LEU A 247 17.89 8.04 9.09
C LEU A 247 18.31 9.39 9.65
N GLN A 248 19.55 9.49 10.11
CA GLN A 248 20.09 10.75 10.57
C GLN A 248 20.50 11.61 9.37
N CYS A 249 21.35 11.06 8.51
CA CYS A 249 22.02 11.83 7.44
C CYS A 249 21.08 12.34 6.35
N VAL A 250 19.77 12.08 6.47
CA VAL A 250 18.80 12.63 5.53
C VAL A 250 18.95 14.16 5.40
C01 733 B . -2.24 -7.35 3.99
C02 733 B . -1.68 -6.44 2.92
C03 733 B . -1.65 -6.86 1.59
C04 733 B . -1.11 -6.01 0.61
N01 733 B . -1.08 -6.41 -0.76
C05 733 B . -1.21 -7.82 -1.18
C06 733 B . -0.85 -8.04 -2.64
C07 733 B . 0.35 -8.67 -2.99
CL1 733 B . 1.49 -9.24 -1.80
C08 733 B . 0.69 -8.86 -4.34
C09 733 B . -0.16 -8.42 -5.36
C10 733 B . -1.36 -7.79 -5.02
CL2 733 B . -2.44 -7.21 -6.26
C11 733 B . -1.71 -7.59 -3.66
CL3 733 B . -3.22 -6.77 -3.32
C12 733 B . -0.64 -4.74 1.02
C13 733 B . -0.12 -3.86 0.07
C14 733 B . 0.36 -2.60 0.45
F 733 B . 0.86 -1.76 -0.50
C15 733 B . 0.30 -2.22 1.80
C16 733 B . -0.21 -3.07 2.79
C17 733 B . -0.24 -2.56 4.22
N02 733 B . 0.30 -1.39 4.54
O1 733 B . -0.79 -3.16 5.16
C1 733 B . -0.69 -4.36 2.38
N1 733 B . -1.22 -5.24 3.26
C1 HSX C . 2.20 -0.32 -2.65
O4 HSX C . 2.71 -1.64 -2.43
C2 HSX C . 2.68 0.53 -1.48
O2 HSX C . 3.11 1.80 -1.95
C3 HSX C . 3.88 -0.18 -0.94
O3 HSX C . 5.02 0.59 -1.25
C4 HSX C . 3.92 -1.50 -1.69
C5 HSX C . 4.04 -2.58 -0.65
O5 HSX C . 3.56 -3.82 -1.15
P' HSX C . 4.64 -5.01 -1.35
O1X HSX C . 5.42 -4.99 -0.05
O2X HSX C . 5.42 -4.64 -2.60
O3X HSX C . 3.75 -6.22 -1.52
#